data_4ZJB
#
_entry.id   4ZJB
#
_cell.length_a   127.705
_cell.length_b   127.705
_cell.length_c   127.705
_cell.angle_alpha   90.00
_cell.angle_beta   90.00
_cell.angle_gamma   90.00
#
_symmetry.space_group_name_H-M   'P 2 3'
#
loop_
_entity.id
_entity.type
_entity.pdbx_description
1 polymer '3-hydroxyacyl-[acyl-carrier-protein] dehydratase FabZ'
2 polymer 'Acyl carrier protein'
3 non-polymer 'CITRIC ACID'
4 non-polymer "4'-PHOSPHOPANTETHEINE"
5 water water
#
loop_
_entity_poly.entity_id
_entity_poly.type
_entity_poly.pdbx_seq_one_letter_code
_entity_poly.pdbx_strand_id
1 'polypeptide(L)'
;MRGSHHHHHHGSMEQSHQNLQSQFFIEHILQILPHRYPMLLVDRITELQANQKIVAYKNITFNEDVFNGHFPNKPIFPGV
LIVEGMAQSGGFLAFTSLWGFDPEIAKTKIVYFMTIDKVKFRIPVTPGDRLEYHLEVLKHKGMIWQVGGTAQVDGKVVAE
AELKAMIAERE
;
A,B
2 'polypeptide(L)'
;GTSSMGYLMALFEDIQAVIAEQLNVDAAQVTPEAEFVKDLGADSLDVVELIMALEEKFGIEIPDEQAEKIVNVGDVVKYI
EDNKLA
;
G
#
loop_
_chem_comp.id
_chem_comp.type
_chem_comp.name
_chem_comp.formula
CIT non-polymer 'CITRIC ACID' 'C6 H8 O7'
PNS non-polymer 4'-PHOSPHOPANTETHEINE 'C11 H23 N2 O7 P S'
#
# COMPACT_ATOMS: atom_id res chain seq x y z
N GLN A 21 -28.46 -6.57 -11.83
CA GLN A 21 -27.72 -6.62 -13.07
C GLN A 21 -26.35 -7.18 -12.78
N SER A 22 -25.49 -7.22 -13.79
CA SER A 22 -24.15 -7.79 -13.65
C SER A 22 -23.05 -6.91 -14.24
N GLN A 23 -23.46 -6.00 -15.11
CA GLN A 23 -22.54 -5.04 -15.69
C GLN A 23 -23.05 -3.64 -15.44
N PHE A 24 -22.18 -2.80 -14.88
CA PHE A 24 -22.58 -1.45 -14.52
C PHE A 24 -21.64 -0.43 -15.13
N PHE A 25 -22.23 0.68 -15.57
CA PHE A 25 -21.49 1.75 -16.20
C PHE A 25 -21.39 2.98 -15.28
N ILE A 26 -20.60 3.97 -15.71
CA ILE A 26 -20.28 5.12 -14.88
C ILE A 26 -21.55 5.86 -14.37
N GLU A 27 -22.58 5.91 -15.20
CA GLU A 27 -23.89 6.46 -14.82
C GLU A 27 -24.39 5.79 -13.57
N HIS A 28 -24.24 4.46 -13.53
CA HIS A 28 -24.75 3.66 -12.42
C HIS A 28 -23.89 3.84 -11.19
N ILE A 29 -22.58 3.68 -11.35
CA ILE A 29 -21.61 3.90 -10.28
C ILE A 29 -21.87 5.23 -9.58
N LEU A 30 -22.21 6.24 -10.37
CA LEU A 30 -22.43 7.57 -9.85
C LEU A 30 -23.66 7.65 -8.96
N GLN A 31 -24.54 6.66 -9.04
CA GLN A 31 -25.79 6.70 -8.29
C GLN A 31 -25.69 5.94 -6.99
N ILE A 32 -24.77 4.99 -6.96
CA ILE A 32 -24.48 4.23 -5.76
C ILE A 32 -23.41 4.90 -4.89
N LEU A 33 -22.18 4.99 -5.42
CA LEU A 33 -21.06 5.65 -4.73
C LEU A 33 -21.25 7.16 -4.56
N PRO A 34 -20.91 7.70 -3.38
CA PRO A 34 -20.98 9.17 -3.18
C PRO A 34 -19.72 9.93 -3.64
N HIS A 35 -18.63 9.22 -3.92
CA HIS A 35 -17.39 9.86 -4.37
C HIS A 35 -17.57 10.63 -5.66
N ARG A 36 -16.90 11.78 -5.77
CA ARG A 36 -16.83 12.51 -7.03
C ARG A 36 -15.39 12.88 -7.41
N TYR A 37 -15.24 13.60 -8.52
CA TYR A 37 -13.94 14.06 -8.99
C TYR A 37 -13.20 14.91 -7.94
N PRO A 38 -11.89 14.65 -7.69
CA PRO A 38 -11.06 13.63 -8.35
C PRO A 38 -10.89 12.36 -7.51
N MET A 39 -11.93 11.90 -6.82
CA MET A 39 -11.75 10.73 -5.97
C MET A 39 -12.65 9.54 -6.32
N LEU A 40 -13.26 9.56 -7.51
CA LEU A 40 -14.02 8.40 -7.98
C LEU A 40 -13.11 7.61 -8.88
N LEU A 41 -12.63 6.47 -8.39
CA LEU A 41 -11.59 5.75 -9.10
C LEU A 41 -12.06 4.41 -9.69
N VAL A 42 -13.35 4.33 -10.01
CA VAL A 42 -13.88 3.19 -10.74
C VAL A 42 -14.69 3.68 -11.94
N ASP A 43 -14.35 3.16 -13.11
CA ASP A 43 -14.99 3.61 -14.34
C ASP A 43 -16.17 2.72 -14.75
N ARG A 44 -16.03 1.42 -14.54
CA ARG A 44 -16.99 0.45 -15.09
C ARG A 44 -16.93 -0.86 -14.30
N ILE A 45 -18.08 -1.49 -14.13
CA ILE A 45 -18.15 -2.80 -13.48
C ILE A 45 -18.53 -3.85 -14.51
N THR A 46 -17.68 -4.85 -14.69
CA THR A 46 -17.96 -5.90 -15.67
C THR A 46 -18.62 -7.19 -15.11
N GLU A 47 -18.27 -7.60 -13.89
CA GLU A 47 -18.88 -8.79 -13.27
C GLU A 47 -19.37 -8.51 -11.86
N LEU A 48 -20.60 -8.87 -11.56
CA LEU A 48 -21.11 -8.70 -10.20
C LEU A 48 -21.88 -9.93 -9.74
N GLN A 49 -21.17 -10.87 -9.14
CA GLN A 49 -21.82 -11.98 -8.44
C GLN A 49 -22.05 -11.62 -6.97
N ALA A 50 -23.28 -11.19 -6.65
CA ALA A 50 -23.64 -10.73 -5.30
C ALA A 50 -23.07 -11.61 -4.21
N ASN A 51 -22.67 -10.99 -3.11
CA ASN A 51 -22.14 -11.70 -1.96
C ASN A 51 -20.90 -12.57 -2.19
N GLN A 52 -20.37 -12.63 -3.41
CA GLN A 52 -19.15 -13.40 -3.61
C GLN A 52 -18.05 -12.64 -4.34
N LYS A 53 -18.38 -11.85 -5.36
CA LYS A 53 -17.31 -11.14 -6.07
C LYS A 53 -17.75 -10.04 -7.02
N ILE A 54 -16.78 -9.23 -7.43
CA ILE A 54 -16.98 -8.13 -8.36
C ILE A 54 -15.73 -7.95 -9.21
N VAL A 55 -15.93 -7.50 -10.44
CA VAL A 55 -14.81 -7.14 -11.28
C VAL A 55 -15.13 -5.80 -11.90
N ALA A 56 -14.27 -4.84 -11.64
CA ALA A 56 -14.48 -3.50 -12.12
C ALA A 56 -13.15 -2.98 -12.63
N TYR A 57 -13.13 -1.79 -13.21
CA TYR A 57 -11.85 -1.26 -13.63
C TYR A 57 -11.87 0.25 -13.71
N LYS A 58 -10.66 0.79 -13.75
CA LYS A 58 -10.48 2.20 -13.97
C LYS A 58 -9.48 2.30 -15.09
N ASN A 59 -9.80 3.13 -16.07
CA ASN A 59 -8.81 3.48 -17.09
C ASN A 59 -7.80 4.47 -16.53
N ILE A 60 -6.53 4.27 -16.90
CA ILE A 60 -5.46 5.15 -16.46
C ILE A 60 -4.98 5.93 -17.68
N THR A 61 -5.13 7.26 -17.63
CA THR A 61 -4.72 8.10 -18.75
C THR A 61 -3.71 9.16 -18.29
N PHE A 62 -2.96 9.74 -19.22
CA PHE A 62 -1.99 10.75 -18.82
C PHE A 62 -2.74 11.99 -18.37
N ASN A 63 -3.88 12.21 -18.95
CA ASN A 63 -4.74 13.36 -18.70
C ASN A 63 -5.43 13.31 -17.34
N GLU A 64 -4.66 13.02 -16.32
CA GLU A 64 -5.17 13.02 -14.97
C GLU A 64 -4.25 13.91 -14.14
N ASP A 65 -4.84 14.79 -13.34
CA ASP A 65 -4.09 15.75 -12.55
C ASP A 65 -3.03 15.10 -11.64
N VAL A 66 -3.30 13.89 -11.17
CA VAL A 66 -2.41 13.22 -10.23
C VAL A 66 -0.98 13.03 -10.82
N PHE A 67 -0.90 12.86 -12.15
CA PHE A 67 0.41 12.71 -12.81
C PHE A 67 1.19 14.01 -12.94
N ASN A 68 0.62 15.12 -12.49
CA ASN A 68 1.43 16.32 -12.39
C ASN A 68 2.43 16.14 -11.28
N GLY A 69 2.04 15.39 -10.25
CA GLY A 69 2.87 15.31 -9.06
C GLY A 69 3.56 14.01 -8.79
N HIS A 70 3.20 12.97 -9.55
CA HIS A 70 3.58 11.61 -9.22
C HIS A 70 3.88 10.77 -10.49
N PHE A 71 5.05 10.97 -11.07
CA PHE A 71 6.02 11.98 -10.68
C PHE A 71 6.26 12.79 -11.93
N PRO A 72 6.74 14.03 -11.78
CA PRO A 72 7.17 14.77 -12.96
C PRO A 72 8.07 13.92 -13.87
N ASN A 73 7.75 13.89 -15.16
CA ASN A 73 8.42 13.08 -16.19
C ASN A 73 8.41 11.58 -15.96
N LYS A 74 7.64 11.11 -14.99
CA LYS A 74 7.50 9.68 -14.83
C LYS A 74 6.14 9.33 -14.21
N PRO A 75 5.09 9.31 -15.06
CA PRO A 75 3.73 9.05 -14.56
C PRO A 75 3.57 7.64 -14.05
N ILE A 76 3.25 7.55 -12.77
CA ILE A 76 3.00 6.27 -12.12
C ILE A 76 1.75 6.42 -11.28
N PHE A 77 0.79 5.52 -11.47
CA PHE A 77 -0.42 5.65 -10.69
C PHE A 77 -0.12 5.27 -9.23
N PRO A 78 -0.43 6.17 -8.30
CA PRO A 78 -0.04 5.92 -6.91
C PRO A 78 -0.68 4.65 -6.34
N GLY A 79 0.15 3.83 -5.70
CA GLY A 79 -0.27 2.63 -5.01
C GLY A 79 -1.45 2.84 -4.08
N VAL A 80 -1.44 3.93 -3.32
CA VAL A 80 -2.58 4.16 -2.43
C VAL A 80 -3.90 4.41 -3.18
N LEU A 81 -3.86 4.87 -4.42
CA LEU A 81 -5.13 5.03 -5.16
C LEU A 81 -5.58 3.70 -5.80
N ILE A 82 -4.63 2.82 -6.11
CA ILE A 82 -5.02 1.46 -6.46
C ILE A 82 -5.87 0.83 -5.35
N VAL A 83 -5.38 0.93 -4.11
CA VAL A 83 -6.09 0.41 -2.96
C VAL A 83 -7.44 1.10 -2.81
N GLU A 84 -7.47 2.42 -2.94
CA GLU A 84 -8.74 3.13 -2.86
C GLU A 84 -9.71 2.68 -3.97
N GLY A 85 -9.19 2.47 -5.17
CA GLY A 85 -9.98 1.88 -6.24
C GLY A 85 -10.59 0.51 -5.93
N MET A 86 -9.79 -0.40 -5.40
CA MET A 86 -10.32 -1.70 -4.97
C MET A 86 -11.40 -1.49 -3.91
N ALA A 87 -11.15 -0.57 -2.99
CA ALA A 87 -12.08 -0.38 -1.88
C ALA A 87 -13.41 0.12 -2.41
N GLN A 88 -13.37 0.96 -3.43
CA GLN A 88 -14.59 1.55 -3.93
C GLN A 88 -15.38 0.44 -4.62
N SER A 89 -14.67 -0.49 -5.23
CA SER A 89 -15.27 -1.65 -5.85
C SER A 89 -15.96 -2.52 -4.79
N GLY A 90 -15.16 -2.93 -3.79
CA GLY A 90 -15.67 -3.67 -2.64
C GLY A 90 -16.91 -3.04 -2.05
N GLY A 91 -16.98 -1.71 -2.07
CA GLY A 91 -18.09 -0.99 -1.48
C GLY A 91 -19.31 -0.98 -2.37
N PHE A 92 -19.08 -1.10 -3.68
CA PHE A 92 -20.16 -1.20 -4.63
C PHE A 92 -20.79 -2.60 -4.48
N LEU A 93 -19.93 -3.60 -4.34
CA LEU A 93 -20.37 -4.97 -4.04
C LEU A 93 -21.25 -5.00 -2.78
N ALA A 94 -20.69 -4.59 -1.65
CA ALA A 94 -21.40 -4.63 -0.39
C ALA A 94 -22.78 -3.99 -0.48
N PHE A 95 -22.86 -2.83 -1.13
CA PHE A 95 -24.14 -2.14 -1.19
C PHE A 95 -25.15 -2.86 -2.07
N THR A 96 -24.71 -3.49 -3.15
CA THR A 96 -25.67 -4.10 -4.05
C THR A 96 -26.05 -5.48 -3.50
N SER A 97 -25.10 -6.13 -2.83
CA SER A 97 -25.32 -7.42 -2.22
C SER A 97 -26.37 -7.40 -1.10
N LEU A 98 -26.86 -6.21 -0.77
CA LEU A 98 -27.66 -6.03 0.41
C LEU A 98 -28.84 -5.08 0.17
N TRP A 99 -28.94 -4.57 -1.04
CA TRP A 99 -30.05 -3.70 -1.41
C TRP A 99 -30.27 -3.69 -2.91
N GLY A 100 -29.40 -4.37 -3.63
CA GLY A 100 -29.41 -4.30 -5.09
C GLY A 100 -29.12 -2.90 -5.63
N PHE A 101 -29.34 -2.71 -6.92
CA PHE A 101 -29.15 -1.40 -7.51
C PHE A 101 -30.28 -0.47 -7.09
N ASP A 102 -30.12 0.17 -5.93
CA ASP A 102 -31.15 1.05 -5.38
C ASP A 102 -30.55 2.42 -5.03
N PRO A 103 -30.47 3.33 -6.02
CA PRO A 103 -29.94 4.69 -5.81
C PRO A 103 -30.64 5.41 -4.68
N GLU A 104 -31.90 5.07 -4.46
CA GLU A 104 -32.75 5.82 -3.53
C GLU A 104 -32.29 5.71 -2.10
N ILE A 105 -31.91 4.50 -1.69
CA ILE A 105 -31.38 4.31 -0.35
C ILE A 105 -29.85 4.43 -0.34
N ALA A 106 -29.24 4.45 -1.52
CA ALA A 106 -27.84 4.82 -1.63
C ALA A 106 -27.65 6.24 -1.08
N LYS A 107 -28.66 7.09 -1.26
CA LYS A 107 -28.59 8.47 -0.77
C LYS A 107 -28.40 8.55 0.73
N THR A 108 -28.68 7.46 1.45
CA THR A 108 -28.63 7.44 2.90
C THR A 108 -27.66 6.39 3.44
N LYS A 109 -26.85 5.81 2.56
CA LYS A 109 -25.86 4.85 3.05
C LYS A 109 -24.49 5.05 2.38
N ILE A 110 -23.44 4.87 3.17
CA ILE A 110 -22.05 4.99 2.71
C ILE A 110 -21.22 3.84 3.32
N VAL A 111 -20.47 3.15 2.47
CA VAL A 111 -19.65 2.04 2.92
C VAL A 111 -18.31 2.59 3.39
N TYR A 112 -18.05 2.48 4.69
CA TYR A 112 -16.83 3.05 5.27
C TYR A 112 -15.83 1.94 5.57
N PHE A 113 -14.62 2.07 5.04
CA PHE A 113 -13.56 1.10 5.32
C PHE A 113 -12.75 1.54 6.53
N MET A 114 -12.26 0.57 7.28
CA MET A 114 -11.72 0.85 8.60
C MET A 114 -10.33 0.31 8.69
N THR A 115 -10.06 -0.75 7.92
CA THR A 115 -8.77 -1.44 7.96
C THR A 115 -8.29 -1.81 6.57
N ILE A 116 -6.97 -2.00 6.44
CA ILE A 116 -6.34 -2.38 5.19
C ILE A 116 -5.13 -3.26 5.53
N ASP A 117 -4.99 -4.39 4.85
CA ASP A 117 -3.95 -5.35 5.23
C ASP A 117 -3.40 -6.11 4.05
N LYS A 118 -2.19 -6.60 4.22
CA LYS A 118 -1.57 -7.50 3.25
C LYS A 118 -1.50 -6.84 1.90
N VAL A 119 -1.29 -5.53 1.90
CA VAL A 119 -1.17 -4.79 0.65
C VAL A 119 0.19 -5.05 0.05
N LYS A 120 0.23 -5.48 -1.19
CA LYS A 120 1.50 -5.58 -1.90
C LYS A 120 1.44 -4.93 -3.26
N PHE A 121 2.53 -4.24 -3.62
CA PHE A 121 2.62 -3.61 -4.92
C PHE A 121 3.71 -4.28 -5.75
N ARG A 122 3.32 -4.91 -6.86
CA ARG A 122 4.26 -5.71 -7.65
C ARG A 122 4.67 -5.04 -8.97
N ILE A 123 3.75 -4.37 -9.65
CA ILE A 123 4.05 -3.80 -10.95
C ILE A 123 3.56 -2.35 -10.99
N PRO A 124 4.44 -1.42 -11.39
CA PRO A 124 3.97 -0.03 -11.57
C PRO A 124 2.85 0.08 -12.61
N VAL A 125 1.86 0.91 -12.29
CA VAL A 125 0.72 1.13 -13.14
C VAL A 125 0.93 2.48 -13.81
N THR A 126 0.72 2.55 -15.13
CA THR A 126 1.06 3.74 -15.93
C THR A 126 -0.04 4.12 -16.94
N PRO A 127 0.02 5.36 -17.49
CA PRO A 127 -0.95 5.77 -18.51
C PRO A 127 -1.03 4.79 -19.68
N GLY A 128 -2.25 4.42 -20.08
CA GLY A 128 -2.44 3.41 -21.09
C GLY A 128 -2.92 2.09 -20.52
N ASP A 129 -2.84 1.93 -19.20
CA ASP A 129 -3.23 0.67 -18.53
C ASP A 129 -4.70 0.63 -18.21
N ARG A 130 -5.31 -0.53 -18.37
CA ARG A 130 -6.64 -0.70 -17.83
C ARG A 130 -6.46 -1.39 -16.48
N LEU A 131 -6.75 -0.68 -15.40
CA LEU A 131 -6.53 -1.21 -14.07
C LEU A 131 -7.76 -1.96 -13.57
N GLU A 132 -7.70 -3.29 -13.59
CA GLU A 132 -8.86 -4.08 -13.16
C GLU A 132 -8.78 -4.42 -11.68
N TYR A 133 -9.90 -4.26 -10.99
CA TYR A 133 -9.99 -4.63 -9.59
C TYR A 133 -10.75 -5.95 -9.44
N HIS A 134 -10.17 -7.02 -8.90
CA HIS A 134 -11.09 -8.13 -8.59
C HIS A 134 -11.07 -8.38 -7.07
N LEU A 135 -12.27 -8.22 -6.50
CA LEU A 135 -12.53 -8.32 -5.09
C LEU A 135 -13.57 -9.42 -4.83
N GLU A 136 -13.23 -10.33 -3.93
CA GLU A 136 -14.20 -11.35 -3.51
C GLU A 136 -14.52 -11.19 -2.05
N VAL A 137 -15.80 -11.27 -1.70
CA VAL A 137 -16.18 -11.23 -0.28
C VAL A 137 -15.49 -12.30 0.54
N LEU A 138 -14.66 -11.90 1.51
CA LEU A 138 -13.98 -12.90 2.32
C LEU A 138 -14.94 -13.33 3.43
N LYS A 139 -15.20 -12.53 4.44
CA LYS A 139 -16.20 -12.96 5.41
C LYS A 139 -17.31 -11.88 5.49
N HIS A 140 -18.48 -12.24 6.01
CA HIS A 140 -19.53 -11.25 6.26
C HIS A 140 -20.32 -11.56 7.55
N LYS A 141 -19.64 -11.51 8.69
CA LYS A 141 -20.30 -11.65 9.99
C LYS A 141 -20.98 -10.35 10.37
N GLY A 142 -22.08 -10.45 11.09
CA GLY A 142 -22.77 -9.29 11.64
C GLY A 142 -22.85 -8.12 10.69
N MET A 143 -22.16 -7.05 11.07
CA MET A 143 -22.15 -5.84 10.24
C MET A 143 -20.75 -5.50 9.73
N ILE A 144 -19.85 -6.47 9.77
CA ILE A 144 -18.49 -6.27 9.26
C ILE A 144 -18.30 -7.01 7.96
N TRP A 145 -18.06 -6.24 6.91
CA TRP A 145 -17.66 -6.78 5.64
C TRP A 145 -16.16 -6.87 5.55
N GLN A 146 -15.68 -7.99 5.03
CA GLN A 146 -14.27 -8.13 4.72
C GLN A 146 -14.12 -8.58 3.28
N VAL A 147 -13.41 -7.82 2.48
CA VAL A 147 -13.14 -8.21 1.11
C VAL A 147 -11.64 -8.27 0.91
N GLY A 148 -11.22 -8.98 -0.13
CA GLY A 148 -9.82 -9.07 -0.45
C GLY A 148 -9.75 -9.43 -1.92
N GLY A 149 -8.57 -9.28 -2.50
CA GLY A 149 -8.42 -9.63 -3.89
C GLY A 149 -7.20 -8.99 -4.50
N THR A 150 -7.26 -8.69 -5.80
CA THR A 150 -6.12 -8.18 -6.53
C THR A 150 -6.49 -7.02 -7.45
N ALA A 151 -5.46 -6.33 -7.92
CA ALA A 151 -5.62 -5.38 -9.00
C ALA A 151 -4.76 -5.89 -10.14
N GLN A 152 -5.26 -5.76 -11.36
CA GLN A 152 -4.59 -6.41 -12.50
C GLN A 152 -4.48 -5.56 -13.77
N VAL A 153 -3.38 -5.72 -14.49
CA VAL A 153 -3.19 -5.10 -15.79
C VAL A 153 -2.77 -6.16 -16.82
N ASP A 154 -3.62 -6.39 -17.82
CA ASP A 154 -3.35 -7.33 -18.91
C ASP A 154 -3.10 -8.75 -18.36
N GLY A 155 -4.06 -9.26 -17.58
CA GLY A 155 -3.90 -10.55 -16.95
C GLY A 155 -2.99 -10.62 -15.73
N LYS A 156 -1.93 -9.84 -15.71
CA LYS A 156 -0.96 -9.88 -14.62
C LYS A 156 -1.48 -9.19 -13.34
N VAL A 157 -0.95 -9.60 -12.18
CA VAL A 157 -1.30 -8.98 -10.91
C VAL A 157 -0.34 -7.83 -10.56
N VAL A 158 -0.89 -6.62 -10.38
CA VAL A 158 -0.02 -5.47 -10.10
C VAL A 158 -0.01 -5.17 -8.62
N ALA A 159 -1.09 -5.55 -7.93
CA ALA A 159 -1.22 -5.25 -6.52
C ALA A 159 -2.26 -6.15 -5.85
N GLU A 160 -2.09 -6.35 -4.54
CA GLU A 160 -3.10 -7.08 -3.79
C GLU A 160 -3.38 -6.35 -2.49
N ALA A 161 -4.56 -6.58 -1.96
CA ALA A 161 -4.97 -5.91 -0.74
C ALA A 161 -6.14 -6.65 -0.13
N GLU A 162 -6.32 -6.42 1.17
CA GLU A 162 -7.36 -7.06 1.94
C GLU A 162 -7.91 -6.00 2.89
N LEU A 163 -9.22 -5.88 2.94
CA LEU A 163 -9.87 -4.73 3.56
C LEU A 163 -11.10 -5.14 4.35
N LYS A 164 -11.45 -4.38 5.38
CA LYS A 164 -12.71 -4.58 6.11
C LYS A 164 -13.53 -3.33 6.05
N ALA A 165 -14.86 -3.47 6.02
CA ALA A 165 -15.75 -2.32 5.99
C ALA A 165 -17.00 -2.52 6.83
N MET A 166 -17.78 -1.45 6.99
CA MET A 166 -19.11 -1.50 7.57
C MET A 166 -19.97 -0.52 6.78
N ILE A 167 -21.28 -0.72 6.77
CA ILE A 167 -22.14 0.18 5.98
C ILE A 167 -22.87 1.15 6.90
N ALA A 168 -22.75 2.44 6.57
CA ALA A 168 -23.11 3.49 7.50
C ALA A 168 -24.20 4.41 6.96
N GLU A 169 -24.50 5.46 7.73
CA GLU A 169 -25.63 6.36 7.49
C GLU A 169 -25.18 7.77 7.09
N ARG A 170 -25.09 8.03 5.78
CA ARG A 170 -24.51 9.28 5.24
C ARG A 170 -24.79 10.54 6.08
N GLN B 21 20.68 18.62 11.05
CA GLN B 21 19.44 19.38 11.08
C GLN B 21 18.33 18.48 11.63
N SER B 22 17.31 19.07 12.24
CA SER B 22 16.20 18.30 12.80
C SER B 22 14.83 18.83 12.35
N GLN B 23 14.79 20.11 11.96
CA GLN B 23 13.54 20.73 11.48
C GLN B 23 13.65 21.13 10.00
N PHE B 24 12.82 20.55 9.14
CA PHE B 24 12.85 20.88 7.71
C PHE B 24 11.54 21.48 7.23
N PHE B 25 11.64 22.55 6.46
CA PHE B 25 10.44 23.23 5.94
C PHE B 25 10.19 22.82 4.49
N ILE B 26 9.09 23.32 3.93
CA ILE B 26 8.66 22.87 2.61
C ILE B 26 9.76 23.04 1.57
N GLU B 27 10.56 24.09 1.73
CA GLU B 27 11.66 24.32 0.76
C GLU B 27 12.65 23.16 0.81
N HIS B 28 12.92 22.66 2.01
CA HIS B 28 13.81 21.50 2.20
C HIS B 28 13.21 20.21 1.66
N ILE B 29 11.92 19.99 1.95
CA ILE B 29 11.22 18.78 1.53
C ILE B 29 11.22 18.67 0.00
N LEU B 30 11.02 19.80 -0.67
CA LEU B 30 11.02 19.87 -2.13
C LEU B 30 12.33 19.40 -2.77
N GLN B 31 13.44 19.64 -2.08
CA GLN B 31 14.74 19.25 -2.63
C GLN B 31 15.03 17.76 -2.47
N ILE B 32 14.30 17.10 -1.57
CA ILE B 32 14.55 15.70 -1.24
C ILE B 32 13.54 14.74 -1.85
N LEU B 33 12.25 15.02 -1.63
CA LEU B 33 11.20 14.23 -2.26
C LEU B 33 10.96 14.65 -3.73
N PRO B 34 10.78 13.66 -4.61
CA PRO B 34 10.42 13.94 -6.02
C PRO B 34 8.93 14.29 -6.21
N HIS B 35 8.10 13.95 -5.23
CA HIS B 35 6.67 14.27 -5.29
C HIS B 35 6.42 15.75 -5.57
N ARG B 36 5.42 16.02 -6.40
CA ARG B 36 5.00 17.41 -6.61
C ARG B 36 3.46 17.49 -6.52
N TYR B 37 2.91 18.70 -6.64
CA TYR B 37 1.47 18.90 -6.59
C TYR B 37 0.78 18.05 -7.65
N PRO B 38 -0.34 17.38 -7.29
CA PRO B 38 -1.04 17.35 -5.98
C PRO B 38 -0.71 16.11 -5.12
N MET B 39 0.50 15.62 -5.16
CA MET B 39 0.82 14.38 -4.46
C MET B 39 1.96 14.55 -3.47
N LEU B 40 2.31 15.79 -3.14
CA LEU B 40 3.25 16.04 -2.05
C LEU B 40 2.44 16.31 -0.80
N LEU B 41 2.50 15.39 0.16
CA LEU B 41 1.53 15.44 1.25
C LEU B 41 2.23 15.55 2.60
N VAL B 42 3.44 16.12 2.59
CA VAL B 42 4.13 16.53 3.81
C VAL B 42 4.48 18.01 3.76
N ASP B 43 4.06 18.78 4.77
CA ASP B 43 4.34 20.22 4.72
C ASP B 43 5.59 20.63 5.48
N ARG B 44 5.92 19.91 6.54
CA ARG B 44 7.00 20.32 7.43
C ARG B 44 7.51 19.11 8.23
N ILE B 45 8.81 19.07 8.50
CA ILE B 45 9.34 18.04 9.37
C ILE B 45 9.79 18.67 10.69
N THR B 46 9.20 18.19 11.78
CA THR B 46 9.40 18.81 13.09
C THR B 46 10.42 18.06 13.95
N GLU B 47 10.77 16.85 13.54
CA GLU B 47 11.64 16.01 14.35
C GLU B 47 12.22 14.88 13.53
N LEU B 48 13.54 14.73 13.53
CA LEU B 48 14.15 13.67 12.77
C LEU B 48 15.35 13.06 13.47
N GLN B 49 15.31 11.74 13.66
CA GLN B 49 16.41 10.97 14.23
C GLN B 49 16.83 9.89 13.26
N ALA B 50 17.99 10.07 12.63
CA ALA B 50 18.48 9.17 11.61
C ALA B 50 18.36 7.70 12.03
N ASN B 51 17.91 6.86 11.09
CA ASN B 51 17.72 5.42 11.32
C ASN B 51 16.74 5.05 12.46
N GLN B 52 15.99 6.00 12.97
CA GLN B 52 15.14 5.73 14.12
C GLN B 52 13.70 6.21 13.96
N LYS B 53 13.51 7.49 13.73
CA LYS B 53 12.16 8.02 13.72
C LYS B 53 12.04 9.43 13.13
N ILE B 54 10.80 9.83 12.86
CA ILE B 54 10.51 11.14 12.24
C ILE B 54 9.15 11.66 12.65
N VAL B 55 9.05 12.96 12.86
CA VAL B 55 7.75 13.54 13.08
C VAL B 55 7.58 14.66 12.05
N ALA B 56 6.54 14.53 11.23
CA ALA B 56 6.27 15.52 10.21
C ALA B 56 4.80 15.81 10.25
N TYR B 57 4.34 16.71 9.40
CA TYR B 57 2.92 16.94 9.33
C TYR B 57 2.50 17.59 8.04
N LYS B 58 1.21 17.45 7.77
CA LYS B 58 0.55 18.13 6.68
C LYS B 58 -0.62 18.91 7.27
N ASN B 59 -0.73 20.18 6.90
CA ASN B 59 -1.96 20.92 7.19
C ASN B 59 -3.08 20.44 6.29
N ILE B 60 -4.31 20.44 6.82
CA ILE B 60 -5.46 20.05 6.04
C ILE B 60 -6.35 21.28 5.92
N THR B 61 -6.68 21.70 4.70
CA THR B 61 -7.51 22.89 4.52
C THR B 61 -8.61 22.57 3.53
N PHE B 62 -9.69 23.34 3.55
CA PHE B 62 -10.80 23.13 2.62
C PHE B 62 -10.37 23.41 1.18
N ASN B 63 -9.34 24.25 1.06
CA ASN B 63 -8.84 24.71 -0.22
C ASN B 63 -7.93 23.67 -0.90
N GLU B 64 -8.26 22.40 -0.75
CA GLU B 64 -7.59 21.33 -1.47
C GLU B 64 -8.55 20.67 -2.46
N ASP B 65 -8.04 20.36 -3.66
CA ASP B 65 -8.87 19.80 -4.73
C ASP B 65 -9.57 18.49 -4.33
N VAL B 66 -8.89 17.59 -3.55
CA VAL B 66 -9.54 16.37 -3.10
C VAL B 66 -10.94 16.60 -2.56
N PHE B 67 -11.13 17.63 -1.75
CA PHE B 67 -12.41 17.76 -1.05
C PHE B 67 -13.61 18.05 -1.98
N ASN B 68 -13.35 18.43 -3.24
CA ASN B 68 -14.41 18.53 -4.25
C ASN B 68 -15.11 17.18 -4.44
N GLY B 69 -14.34 16.11 -4.32
CA GLY B 69 -14.83 14.79 -4.63
C GLY B 69 -15.00 13.87 -3.44
N HIS B 70 -14.62 14.33 -2.27
CA HIS B 70 -14.57 13.44 -1.13
C HIS B 70 -14.82 14.14 0.22
N PHE B 71 -16.07 14.57 0.48
CA PHE B 71 -17.22 14.37 -0.41
C PHE B 71 -17.94 15.69 -0.56
N PRO B 72 -18.72 15.87 -1.65
CA PRO B 72 -19.55 17.08 -1.76
C PRO B 72 -20.33 17.33 -0.47
N ASN B 73 -20.21 18.53 0.08
CA ASN B 73 -20.83 18.94 1.36
C ASN B 73 -20.30 18.27 2.62
N LYS B 74 -19.46 17.25 2.50
CA LYS B 74 -18.80 16.73 3.69
C LYS B 74 -17.35 16.40 3.44
N PRO B 75 -16.46 17.37 3.69
CA PRO B 75 -15.01 17.22 3.51
C PRO B 75 -14.36 16.28 4.51
N ILE B 76 -13.83 15.19 3.98
CA ILE B 76 -13.15 14.19 4.78
C ILE B 76 -11.90 13.81 4.01
N PHE B 77 -10.74 14.00 4.63
CA PHE B 77 -9.47 13.63 4.05
C PHE B 77 -9.34 12.11 3.91
N PRO B 78 -9.14 11.63 2.68
CA PRO B 78 -9.10 10.19 2.40
C PRO B 78 -8.06 9.45 3.21
N GLY B 79 -8.48 8.42 3.94
CA GLY B 79 -7.57 7.59 4.72
C GLY B 79 -6.37 7.08 3.95
N VAL B 80 -6.54 6.81 2.67
CA VAL B 80 -5.38 6.35 1.89
C VAL B 80 -4.36 7.47 1.67
N LEU B 81 -4.76 8.72 1.82
CA LEU B 81 -3.82 9.82 1.65
C LEU B 81 -3.09 10.06 2.96
N ILE B 82 -3.72 9.66 4.05
CA ILE B 82 -3.02 9.64 5.33
C ILE B 82 -1.89 8.63 5.28
N VAL B 83 -2.16 7.47 4.70
CA VAL B 83 -1.13 6.45 4.57
C VAL B 83 -0.06 6.95 3.63
N GLU B 84 -0.46 7.64 2.57
CA GLU B 84 0.52 8.18 1.62
C GLU B 84 1.42 9.22 2.29
N GLY B 85 0.83 10.09 3.09
CA GLY B 85 1.60 11.09 3.82
C GLY B 85 2.63 10.41 4.69
N MET B 86 2.18 9.43 5.48
CA MET B 86 3.09 8.65 6.34
C MET B 86 4.21 8.02 5.53
N ALA B 87 3.86 7.45 4.37
CA ALA B 87 4.87 6.82 3.53
C ALA B 87 5.89 7.85 3.08
N GLN B 88 5.42 9.05 2.73
CA GLN B 88 6.29 10.12 2.27
C GLN B 88 7.24 10.58 3.38
N SER B 89 6.71 10.69 4.58
CA SER B 89 7.53 10.98 5.74
C SER B 89 8.58 9.89 5.95
N GLY B 90 8.13 8.64 5.89
CA GLY B 90 9.03 7.51 6.00
C GLY B 90 10.11 7.59 4.94
N GLY B 91 9.73 8.01 3.74
CA GLY B 91 10.69 8.12 2.67
C GLY B 91 11.75 9.16 2.96
N PHE B 92 11.34 10.30 3.47
CA PHE B 92 12.26 11.38 3.80
C PHE B 92 13.30 10.91 4.82
N LEU B 93 12.81 10.21 5.85
CA LEU B 93 13.66 9.63 6.88
C LEU B 93 14.69 8.66 6.27
N ALA B 94 14.24 7.77 5.40
CA ALA B 94 15.12 6.77 4.82
C ALA B 94 16.22 7.44 4.02
N PHE B 95 15.87 8.46 3.25
CA PHE B 95 16.87 9.09 2.43
C PHE B 95 17.90 9.80 3.28
N THR B 96 17.45 10.72 4.14
CA THR B 96 18.39 11.53 4.89
C THR B 96 19.15 10.70 5.93
N SER B 97 18.59 9.54 6.31
CA SER B 97 19.34 8.62 7.15
C SER B 97 20.56 8.09 6.40
N LEU B 98 20.38 7.75 5.14
CA LEU B 98 21.45 7.13 4.38
C LEU B 98 22.40 8.16 3.75
N TRP B 99 21.86 9.29 3.29
CA TRP B 99 22.70 10.24 2.57
C TRP B 99 22.65 11.68 3.10
N GLY B 100 22.01 11.90 4.24
CA GLY B 100 21.86 13.25 4.77
C GLY B 100 21.08 14.16 3.83
N PHE B 101 21.06 15.46 4.12
CA PHE B 101 20.38 16.41 3.25
C PHE B 101 21.20 16.64 1.99
N ASP B 102 21.10 15.72 1.05
CA ASP B 102 21.85 15.83 -0.19
C ASP B 102 20.89 15.88 -1.36
N PRO B 103 20.50 17.10 -1.76
CA PRO B 103 19.59 17.33 -2.89
C PRO B 103 20.08 16.76 -4.19
N GLU B 104 21.40 16.67 -4.34
CA GLU B 104 21.99 16.24 -5.60
C GLU B 104 21.90 14.72 -5.73
N ILE B 105 22.23 14.01 -4.65
CA ILE B 105 22.08 12.56 -4.59
C ILE B 105 20.61 12.19 -4.45
N ALA B 106 19.81 13.11 -3.93
CA ALA B 106 18.36 12.97 -4.00
C ALA B 106 17.94 12.83 -5.45
N LYS B 107 18.51 13.63 -6.33
CA LYS B 107 18.12 13.53 -7.72
C LYS B 107 18.75 12.37 -8.48
N THR B 108 19.15 11.31 -7.78
CA THR B 108 19.48 10.07 -8.46
C THR B 108 18.60 8.87 -8.01
N LYS B 109 17.84 8.99 -6.91
CA LYS B 109 16.78 7.99 -6.63
C LYS B 109 15.33 8.50 -6.41
N ILE B 110 14.33 7.71 -6.85
CA ILE B 110 12.94 7.77 -6.31
C ILE B 110 12.65 6.56 -5.41
N VAL B 111 11.64 6.69 -4.56
CA VAL B 111 11.37 5.66 -3.55
C VAL B 111 10.10 4.86 -3.85
N TYR B 112 10.25 3.53 -3.87
CA TYR B 112 9.17 2.62 -4.23
C TYR B 112 8.44 2.05 -3.02
N PHE B 113 7.12 2.15 -3.07
CA PHE B 113 6.24 1.66 -2.04
C PHE B 113 5.97 0.15 -2.22
N MET B 114 6.45 -0.68 -1.30
CA MET B 114 6.39 -2.14 -1.50
C MET B 114 5.15 -2.79 -0.91
N THR B 115 4.90 -2.55 0.38
CA THR B 115 3.79 -3.16 1.09
C THR B 115 3.19 -2.19 2.09
N ILE B 116 1.96 -2.45 2.49
CA ILE B 116 1.26 -1.69 3.50
C ILE B 116 0.56 -2.71 4.41
N ASP B 117 0.63 -2.53 5.72
CA ASP B 117 -0.03 -3.47 6.64
C ASP B 117 -0.61 -2.84 7.87
N LYS B 118 -1.61 -3.50 8.45
CA LYS B 118 -2.08 -3.17 9.78
C LYS B 118 -2.53 -1.73 9.83
N VAL B 119 -3.12 -1.30 8.73
CA VAL B 119 -3.71 0.01 8.65
C VAL B 119 -5.04 0.03 9.36
N LYS B 120 -5.21 0.95 10.31
CA LYS B 120 -6.50 1.13 10.95
C LYS B 120 -6.87 2.62 11.03
N PHE B 121 -8.08 2.96 10.61
CA PHE B 121 -8.56 4.33 10.67
C PHE B 121 -9.43 4.50 11.88
N ARG B 122 -9.21 5.55 12.65
CA ARG B 122 -9.89 5.69 13.95
C ARG B 122 -10.78 6.90 14.02
N ILE B 123 -10.32 8.02 13.49
CA ILE B 123 -11.04 9.29 13.59
C ILE B 123 -11.00 9.97 12.22
N PRO B 124 -12.12 10.60 11.81
CA PRO B 124 -12.01 11.23 10.49
C PRO B 124 -11.15 12.48 10.59
N VAL B 125 -10.43 12.79 9.51
CA VAL B 125 -9.61 13.99 9.43
C VAL B 125 -10.32 15.01 8.54
N THR B 126 -10.36 16.28 8.97
CA THR B 126 -11.15 17.30 8.29
C THR B 126 -10.37 18.60 8.10
N PRO B 127 -10.87 19.49 7.22
CA PRO B 127 -10.27 20.82 7.10
C PRO B 127 -10.10 21.48 8.46
N GLY B 128 -8.94 22.06 8.74
CA GLY B 128 -8.68 22.65 10.04
C GLY B 128 -7.73 21.79 10.85
N ASP B 129 -7.70 20.49 10.57
CA ASP B 129 -6.81 19.57 11.29
C ASP B 129 -5.39 19.77 10.86
N ARG B 130 -4.48 19.69 11.82
CA ARG B 130 -3.10 19.50 11.52
C ARG B 130 -2.83 18.00 11.60
N LEU B 131 -2.40 17.41 10.50
CA LEU B 131 -2.24 15.97 10.47
C LEU B 131 -0.77 15.58 10.66
N GLU B 132 -0.43 15.03 11.83
CA GLU B 132 0.96 14.69 12.14
C GLU B 132 1.30 13.25 11.86
N TYR B 133 2.49 13.05 11.31
CA TYR B 133 2.97 11.72 11.01
C TYR B 133 4.06 11.27 11.98
N HIS B 134 3.82 10.17 12.68
CA HIS B 134 4.81 9.66 13.65
C HIS B 134 5.27 8.29 13.19
N LEU B 135 6.50 8.20 12.69
CA LEU B 135 7.02 6.94 12.16
C LEU B 135 8.29 6.49 12.85
N GLU B 136 8.28 5.25 13.34
CA GLU B 136 9.49 4.57 13.81
C GLU B 136 10.07 3.67 12.74
N VAL B 137 11.38 3.51 12.72
CA VAL B 137 11.96 2.47 11.89
C VAL B 137 11.75 1.13 12.59
N LEU B 138 11.18 0.17 11.87
CA LEU B 138 10.93 -1.17 12.40
C LEU B 138 12.06 -2.11 12.03
N LYS B 139 12.50 -1.99 10.80
CA LYS B 139 13.72 -2.63 10.35
C LYS B 139 14.21 -1.86 9.15
N HIS B 140 15.52 -1.82 8.98
CA HIS B 140 16.08 -1.43 7.70
C HIS B 140 17.36 -2.22 7.47
N LYS B 141 17.49 -2.70 6.24
CA LYS B 141 18.70 -3.35 5.78
C LYS B 141 18.99 -2.68 4.45
N GLY B 142 20.21 -2.15 4.31
CA GLY B 142 20.57 -1.41 3.10
C GLY B 142 19.53 -0.41 2.62
N MET B 143 18.81 -0.80 1.57
CA MET B 143 17.97 0.09 0.79
C MET B 143 16.48 -0.12 1.00
N ILE B 144 16.14 -1.22 1.64
CA ILE B 144 14.75 -1.50 1.98
C ILE B 144 14.50 -0.92 3.37
N TRP B 145 13.38 -0.20 3.49
CA TRP B 145 13.00 0.43 4.74
C TRP B 145 11.61 0.00 5.17
N GLN B 146 11.50 -0.49 6.40
CA GLN B 146 10.20 -0.80 6.98
C GLN B 146 9.95 0.07 8.21
N VAL B 147 8.91 0.89 8.11
CA VAL B 147 8.55 1.82 9.16
C VAL B 147 7.11 1.59 9.55
N GLY B 148 6.76 2.00 10.76
CA GLY B 148 5.39 1.93 11.22
C GLY B 148 5.17 3.05 12.21
N GLY B 149 3.91 3.39 12.45
CA GLY B 149 3.61 4.38 13.45
C GLY B 149 2.20 4.86 13.34
N THR B 150 1.97 6.13 13.64
CA THR B 150 0.62 6.67 13.64
C THR B 150 0.47 8.02 12.92
N ALA B 151 -0.78 8.40 12.74
CA ALA B 151 -1.12 9.74 12.34
C ALA B 151 -1.89 10.33 13.49
N GLN B 152 -1.61 11.57 13.85
CA GLN B 152 -2.28 12.18 15.00
C GLN B 152 -2.83 13.55 14.69
N VAL B 153 -3.93 13.87 15.35
CA VAL B 153 -4.46 15.22 15.35
C VAL B 153 -4.66 15.60 16.80
N ASP B 154 -3.93 16.63 17.24
CA ASP B 154 -4.05 17.17 18.60
C ASP B 154 -3.75 16.11 19.65
N GLY B 155 -2.67 15.37 19.44
CA GLY B 155 -2.25 14.38 20.41
C GLY B 155 -3.15 13.17 20.54
N LYS B 156 -4.14 13.04 19.66
CA LYS B 156 -4.91 11.79 19.59
C LYS B 156 -4.61 11.07 18.28
N VAL B 157 -4.42 9.76 18.37
CA VAL B 157 -4.21 8.92 17.21
C VAL B 157 -5.46 8.90 16.31
N VAL B 158 -5.30 9.18 15.01
CA VAL B 158 -6.44 9.07 14.09
C VAL B 158 -6.25 7.88 13.17
N ALA B 159 -5.01 7.40 13.08
CA ALA B 159 -4.73 6.31 12.15
C ALA B 159 -3.42 5.60 12.46
N GLU B 160 -3.34 4.34 12.01
CA GLU B 160 -2.15 3.52 12.23
C GLU B 160 -1.76 2.82 10.94
N ALA B 161 -0.46 2.58 10.76
CA ALA B 161 -0.04 1.84 9.58
C ALA B 161 1.37 1.34 9.74
N GLU B 162 1.65 0.25 9.05
CA GLU B 162 3.00 -0.23 8.86
C GLU B 162 3.20 -0.29 7.38
N LEU B 163 4.42 -0.08 6.93
CA LEU B 163 4.68 -0.12 5.51
C LEU B 163 6.14 -0.33 5.21
N LYS B 164 6.39 -0.83 4.00
CA LYS B 164 7.71 -1.18 3.59
C LYS B 164 7.98 -0.49 2.24
N ALA B 165 9.15 0.10 2.12
CA ALA B 165 9.53 0.77 0.87
C ALA B 165 11.00 0.51 0.54
N MET B 166 11.35 0.67 -0.73
CA MET B 166 12.76 0.58 -1.13
C MET B 166 13.11 1.72 -2.09
N ILE B 167 14.40 2.04 -2.15
CA ILE B 167 14.88 3.16 -2.95
C ILE B 167 15.27 2.73 -4.38
N ALA B 168 14.84 3.51 -5.38
CA ALA B 168 15.05 3.16 -6.80
C ALA B 168 15.54 4.37 -7.64
N GLU B 169 16.38 4.13 -8.66
CA GLU B 169 16.94 5.20 -9.50
C GLU B 169 15.83 5.83 -10.36
N ARG B 170 15.74 7.16 -10.33
CA ARG B 170 14.49 7.92 -10.54
C ARG B 170 14.18 8.26 -11.97
N GLU B 171 13.48 9.40 -12.06
CA GLU B 171 13.28 10.25 -13.23
C GLU B 171 12.37 11.40 -12.79
N SER C 4 22.37 -33.90 16.07
CA SER C 4 23.13 -33.11 15.10
C SER C 4 22.58 -33.27 13.69
N MET C 5 22.45 -34.51 13.26
CA MET C 5 21.80 -34.76 11.99
C MET C 5 20.32 -34.43 12.14
N GLY C 6 19.78 -34.76 13.32
CA GLY C 6 18.39 -34.49 13.63
C GLY C 6 18.15 -33.02 13.86
N TYR C 7 19.20 -32.29 14.24
CA TYR C 7 19.09 -30.84 14.37
C TYR C 7 18.82 -30.25 12.99
N LEU C 8 19.71 -30.57 12.06
CA LEU C 8 19.63 -30.10 10.68
C LEU C 8 18.29 -30.42 10.03
N MET C 9 17.80 -31.64 10.24
CA MET C 9 16.50 -32.02 9.69
C MET C 9 15.40 -31.15 10.25
N ALA C 10 15.45 -30.87 11.54
CA ALA C 10 14.39 -30.10 12.17
C ALA C 10 14.50 -28.65 11.72
N LEU C 11 15.73 -28.19 11.56
CA LEU C 11 16.00 -26.86 11.05
C LEU C 11 15.45 -26.72 9.63
N PHE C 12 15.67 -27.75 8.82
CA PHE C 12 15.20 -27.70 7.44
C PHE C 12 13.66 -27.67 7.43
N GLU C 13 13.06 -28.40 8.35
CA GLU C 13 11.61 -28.41 8.47
C GLU C 13 11.07 -27.02 8.83
N ASP C 14 11.83 -26.25 9.61
CA ASP C 14 11.44 -24.89 9.95
C ASP C 14 11.64 -23.92 8.79
N ILE C 15 12.73 -24.11 8.04
CA ILE C 15 13.00 -23.26 6.88
C ILE C 15 11.92 -23.48 5.84
N GLN C 16 11.54 -24.74 5.65
CA GLN C 16 10.47 -25.12 4.76
C GLN C 16 9.17 -24.37 5.04
N ALA C 17 8.79 -24.32 6.31
CA ALA C 17 7.52 -23.71 6.72
C ALA C 17 7.47 -22.23 6.38
N VAL C 18 8.60 -21.55 6.55
CA VAL C 18 8.67 -20.13 6.23
C VAL C 18 8.48 -19.93 4.74
N ILE C 19 9.28 -20.63 3.94
CA ILE C 19 9.19 -20.54 2.49
C ILE C 19 7.80 -20.88 2.01
N ALA C 20 7.23 -21.96 2.55
CA ALA C 20 5.88 -22.36 2.21
C ALA C 20 4.92 -21.22 2.45
N GLU C 21 4.83 -20.80 3.71
CA GLU C 21 3.96 -19.72 4.14
C GLU C 21 4.14 -18.45 3.32
N GLN C 22 5.39 -18.02 3.17
CA GLN C 22 5.71 -16.80 2.44
C GLN C 22 5.21 -16.84 1.00
N LEU C 23 5.52 -17.91 0.28
CA LEU C 23 5.20 -18.02 -1.14
C LEU C 23 3.87 -18.72 -1.44
N ASN C 24 3.05 -18.91 -0.39
CA ASN C 24 1.77 -19.59 -0.52
C ASN C 24 1.88 -20.88 -1.34
N VAL C 25 2.72 -21.78 -0.85
CA VAL C 25 3.09 -23.01 -1.55
C VAL C 25 3.10 -24.15 -0.55
N ASP C 26 2.81 -25.37 -0.99
CA ASP C 26 2.89 -26.54 -0.13
C ASP C 26 4.32 -26.91 0.25
N ALA C 27 4.52 -27.30 1.50
CA ALA C 27 5.85 -27.67 1.97
C ALA C 27 6.43 -28.74 1.06
N ALA C 28 5.54 -29.61 0.60
CA ALA C 28 5.86 -30.71 -0.30
C ALA C 28 6.53 -30.25 -1.59
N GLN C 29 6.37 -28.97 -1.92
CA GLN C 29 6.99 -28.40 -3.12
C GLN C 29 8.34 -27.79 -2.77
N VAL C 30 8.59 -27.60 -1.48
CA VAL C 30 9.77 -26.87 -1.05
C VAL C 30 10.92 -27.84 -0.77
N THR C 31 11.51 -28.32 -1.86
CA THR C 31 12.61 -29.26 -1.82
C THR C 31 13.90 -28.48 -1.95
N PRO C 32 15.04 -29.05 -1.51
CA PRO C 32 16.32 -28.34 -1.67
C PRO C 32 16.63 -27.95 -3.12
N GLU C 33 16.00 -28.68 -4.06
CA GLU C 33 16.22 -28.46 -5.49
C GLU C 33 15.42 -27.26 -6.00
N ALA C 34 14.16 -27.17 -5.58
CA ALA C 34 13.21 -26.14 -5.99
C ALA C 34 13.83 -24.74 -6.07
N GLU C 35 13.66 -24.09 -7.21
CA GLU C 35 14.14 -22.72 -7.39
C GLU C 35 13.00 -21.78 -7.04
N PHE C 36 13.34 -20.69 -6.36
CA PHE C 36 12.30 -19.81 -5.81
C PHE C 36 11.46 -19.18 -6.90
N VAL C 37 12.14 -18.63 -7.89
CA VAL C 37 11.46 -18.07 -9.05
C VAL C 37 10.78 -19.17 -9.86
N LYS C 38 11.57 -19.99 -10.55
CA LYS C 38 11.04 -20.91 -11.57
C LYS C 38 10.02 -21.94 -11.04
N ASP C 39 10.34 -22.60 -9.93
CA ASP C 39 9.47 -23.64 -9.41
C ASP C 39 8.41 -23.12 -8.44
N LEU C 40 8.77 -22.12 -7.63
CA LEU C 40 7.89 -21.75 -6.53
C LEU C 40 7.09 -20.48 -6.84
N GLY C 41 7.35 -19.87 -7.99
CA GLY C 41 6.51 -18.78 -8.46
C GLY C 41 6.65 -17.52 -7.64
N ALA C 42 7.89 -17.14 -7.38
CA ALA C 42 8.16 -15.95 -6.59
C ALA C 42 8.69 -14.86 -7.50
N ASP C 43 8.13 -13.66 -7.39
CA ASP C 43 8.69 -12.51 -8.09
C ASP C 43 9.68 -11.81 -7.19
N SER C 44 10.08 -10.59 -7.68
CA SER C 44 11.19 -9.88 -6.99
C SER C 44 10.84 -9.48 -5.58
N LEU C 45 9.63 -8.98 -5.33
CA LEU C 45 9.11 -8.57 -4.03
C LEU C 45 8.97 -9.76 -3.08
N ASP C 46 8.48 -10.88 -3.62
CA ASP C 46 8.39 -12.13 -2.89
C ASP C 46 9.76 -12.54 -2.32
N VAL C 47 10.79 -12.48 -3.16
CA VAL C 47 12.12 -12.89 -2.73
C VAL C 47 12.64 -11.98 -1.63
N VAL C 48 12.37 -10.67 -1.77
CA VAL C 48 12.84 -9.71 -0.78
C VAL C 48 12.16 -9.93 0.57
N GLU C 49 10.84 -10.13 0.54
CA GLU C 49 10.08 -10.37 1.76
C GLU C 49 10.45 -11.73 2.39
N LEU C 50 10.82 -12.69 1.54
CA LEU C 50 11.21 -14.01 1.99
C LEU C 50 12.53 -13.97 2.77
N ILE C 51 13.53 -13.31 2.18
CA ILE C 51 14.81 -13.14 2.83
C ILE C 51 14.65 -12.52 4.21
N MET C 52 13.91 -11.41 4.27
CA MET C 52 13.69 -10.71 5.53
C MET C 52 12.93 -11.57 6.53
N ALA C 53 12.02 -12.40 6.02
CA ALA C 53 11.26 -13.31 6.87
C ALA C 53 12.16 -14.38 7.48
N LEU C 54 13.10 -14.89 6.68
CA LEU C 54 14.04 -15.89 7.13
C LEU C 54 15.04 -15.25 8.08
N GLU C 55 15.48 -14.04 7.74
CA GLU C 55 16.36 -13.26 8.59
C GLU C 55 15.75 -13.09 9.98
N GLU C 56 14.48 -12.75 10.04
CA GLU C 56 13.81 -12.61 11.32
C GLU C 56 13.75 -13.95 12.05
N LYS C 57 13.09 -14.93 11.42
CA LYS C 57 12.83 -16.23 12.04
C LYS C 57 14.05 -16.92 12.68
N PHE C 58 15.19 -16.84 12.03
CA PHE C 58 16.38 -17.53 12.52
C PHE C 58 17.40 -16.55 13.05
N GLY C 59 16.97 -15.29 13.17
CA GLY C 59 17.77 -14.26 13.80
C GLY C 59 19.16 -14.18 13.26
N ILE C 60 19.25 -13.95 12.00
CA ILE C 60 20.55 -13.79 11.33
C ILE C 60 20.46 -12.63 10.33
N GLU C 61 21.55 -12.38 9.61
CA GLU C 61 21.58 -11.32 8.62
C GLU C 61 22.29 -11.81 7.36
N ILE C 62 21.79 -11.37 6.22
CA ILE C 62 22.38 -11.74 4.97
C ILE C 62 22.66 -10.57 4.08
N PRO C 63 23.91 -10.29 3.84
CA PRO C 63 24.35 -9.23 2.93
C PRO C 63 24.01 -9.53 1.46
N ASP C 64 23.48 -8.51 0.78
CA ASP C 64 22.96 -8.61 -0.60
C ASP C 64 23.95 -9.17 -1.61
N GLU C 65 25.23 -9.11 -1.29
CA GLU C 65 26.27 -9.69 -2.13
C GLU C 65 26.20 -11.22 -2.17
N GLN C 66 25.70 -11.80 -1.07
CA GLN C 66 25.55 -13.27 -1.00
C GLN C 66 24.09 -13.71 -0.97
N ALA C 67 23.18 -12.77 -0.74
CA ALA C 67 21.76 -13.03 -0.89
C ALA C 67 21.38 -13.20 -2.36
N GLU C 68 22.16 -12.56 -3.23
CA GLU C 68 21.87 -12.55 -4.66
C GLU C 68 22.30 -13.84 -5.36
N LYS C 69 23.26 -14.54 -4.76
CA LYS C 69 23.77 -15.79 -5.30
C LYS C 69 22.76 -16.93 -5.19
N ILE C 70 21.89 -16.86 -4.20
CA ILE C 70 20.96 -17.95 -3.94
C ILE C 70 19.86 -18.00 -4.93
N VAL C 71 19.52 -19.29 -5.38
CA VAL C 71 18.57 -19.55 -6.44
C VAL C 71 17.53 -20.55 -5.97
N ASN C 72 18.00 -21.60 -5.31
CA ASN C 72 17.14 -22.67 -4.81
C ASN C 72 17.03 -22.64 -3.28
N VAL C 73 16.12 -23.43 -2.72
CA VAL C 73 15.94 -23.41 -1.27
C VAL C 73 17.18 -23.99 -0.58
N GLY C 74 17.80 -24.99 -1.21
CA GLY C 74 19.04 -25.54 -0.69
C GLY C 74 20.12 -24.51 -0.44
N ASP C 75 20.21 -23.52 -1.32
CA ASP C 75 21.18 -22.43 -1.14
C ASP C 75 20.93 -21.69 0.16
N VAL C 76 19.67 -21.36 0.42
CA VAL C 76 19.31 -20.56 1.59
C VAL C 76 19.40 -21.43 2.84
N VAL C 77 19.20 -22.74 2.67
CA VAL C 77 19.34 -23.67 3.77
C VAL C 77 20.80 -23.71 4.18
N LYS C 78 21.68 -23.99 3.21
CA LYS C 78 23.11 -24.04 3.48
C LYS C 78 23.61 -22.73 4.05
N TYR C 79 22.99 -21.63 3.63
CA TYR C 79 23.41 -20.35 4.16
C TYR C 79 23.06 -20.25 5.64
N ILE C 80 21.84 -20.64 6.01
CA ILE C 80 21.40 -20.50 7.39
C ILE C 80 22.21 -21.42 8.32
N GLU C 81 22.60 -22.58 7.82
CA GLU C 81 23.38 -23.52 8.62
C GLU C 81 24.77 -22.99 8.98
N ASP C 82 25.39 -22.28 8.04
CA ASP C 82 26.70 -21.70 8.30
C ASP C 82 26.62 -20.59 9.36
N ASN C 83 25.69 -19.65 9.17
CA ASN C 83 25.51 -18.55 10.12
C ASN C 83 24.48 -18.89 11.21
N LYS C 84 24.23 -20.20 11.32
CA LYS C 84 23.47 -20.84 12.40
C LYS C 84 22.29 -20.04 12.95
C1 CIT D . -4.51 15.41 -4.21
O1 CIT D . -5.28 16.40 -4.36
O2 CIT D . -3.96 15.22 -3.10
C2 CIT D . -4.24 14.51 -5.42
C3 CIT D . -5.57 13.94 -5.85
O7 CIT D . -6.58 14.82 -5.33
C4 CIT D . -5.76 13.79 -7.38
C5 CIT D . -6.00 12.33 -7.77
O3 CIT D . -7.04 11.87 -8.35
O4 CIT D . -5.06 11.53 -7.49
C6 CIT D . -5.59 12.60 -5.12
O5 CIT D . -6.64 11.94 -5.03
O6 CIT D . -4.52 12.16 -4.64
O23 PNS E . 12.17 -6.32 -9.07
P24 PNS E . 12.56 -6.27 -7.63
O25 PNS E . 13.94 -5.87 -7.23
O27 PNS E . 11.53 -5.33 -6.85
C28 PNS E . 10.22 -5.11 -7.36
C29 PNS E . 9.55 -3.96 -6.61
C30 PNS E . 9.89 -4.05 -5.14
C31 PNS E . 10.02 -2.63 -7.16
C32 PNS E . 8.25 -4.31 -7.32
O33 PNS E . 7.58 -5.34 -6.80
C34 PNS E . 7.73 -3.28 -8.05
O35 PNS E . 8.24 -3.22 -9.10
N36 PNS E . 6.73 -2.42 -8.04
C37 PNS E . 5.80 -2.04 -6.99
C38 PNS E . 5.89 -0.52 -7.01
C39 PNS E . 4.54 0.16 -7.04
O40 PNS E . 3.61 -0.33 -7.64
N41 PNS E . 4.46 1.31 -6.39
C42 PNS E . 3.32 2.19 -6.25
C43 PNS E . 3.87 3.60 -6.37
S44 PNS E . 3.54 4.54 -4.87
#